data_9GNP
#
_entry.id   9GNP
#
_cell.length_a   100.130
_cell.length_b   100.130
_cell.length_c   100.130
_cell.angle_alpha   90.00
_cell.angle_beta   90.00
_cell.angle_gamma   90.00
#
_symmetry.space_group_name_H-M   'I 2 3'
#
loop_
_entity.id
_entity.type
_entity.pdbx_description
1 polymer Granulin
2 water water
#
_entity_poly.entity_id   1
_entity_poly.type   'polypeptide(L)'
_entity_poly.pdbx_seq_one_letter_code
;SLRYSRHDGTSCVIDNHHLKSLGAVLNDVRRKKDRIREAEYEPIIDIADQYMVTEDPFRGPGKNVRITLFKEIRRVHPDT
MKLVCNWSGKEFLRETWTRFISEEFPITTDQEIMDLWFELQLRPMHPNRCYKFTMQYALGAHPDYVAHDVIRQQDPYYVG
PNNIERINLSKKGFAFPLTCLQSVYNDNFERFFDDVLWPYFYRPLVYVGTTSAEIEEIMIEVSLLFKIKEFAPDVPLFTG
PAY
;
_entity_poly.pdbx_strand_id   A
#
# COMPACT_ATOMS: atom_id res chain seq x y z
N SER A 1 -5.49 6.98 -26.32
CA SER A 1 -4.58 7.21 -27.45
C SER A 1 -4.57 6.01 -28.39
N LEU A 2 -3.48 5.87 -29.16
CA LEU A 2 -3.35 4.86 -30.21
C LEU A 2 -4.60 4.75 -31.07
N ARG A 3 -5.32 5.89 -31.18
CA ARG A 3 -6.60 6.03 -31.95
C ARG A 3 -7.00 4.76 -32.69
N TYR A 4 -6.58 4.58 -33.94
CA TYR A 4 -6.87 3.31 -34.68
C TYR A 4 -6.17 2.33 -33.81
N SER A 5 -6.87 1.64 -32.91
CA SER A 5 -6.22 0.85 -31.87
C SER A 5 -5.94 -0.58 -32.34
N ARG A 6 -5.15 -0.70 -33.40
CA ARG A 6 -4.81 -1.94 -34.07
C ARG A 6 -5.89 -2.34 -35.07
N HIS A 7 -6.98 -1.57 -35.19
CA HIS A 7 -8.03 -1.85 -36.17
C HIS A 7 -8.02 -0.82 -37.28
N ASP A 8 -6.86 -0.55 -37.86
CA ASP A 8 -6.72 0.45 -38.90
C ASP A 8 -6.97 -0.19 -40.28
N GLY A 9 -7.24 0.68 -41.25
CA GLY A 9 -7.40 0.22 -42.62
C GLY A 9 -8.74 -0.41 -42.92
N THR A 10 -9.15 -0.34 -44.17
CA THR A 10 -10.41 -0.91 -44.62
C THR A 10 -10.14 -1.83 -45.81
N SER A 11 -11.19 -2.24 -46.50
CA SER A 11 -11.04 -3.14 -47.64
C SER A 11 -12.15 -2.86 -48.63
N CYS A 12 -11.86 -3.03 -49.91
CA CYS A 12 -12.87 -2.89 -50.94
C CYS A 12 -12.57 -3.87 -52.06
N VAL A 13 -13.58 -4.11 -52.89
CA VAL A 13 -13.47 -4.99 -54.05
C VAL A 13 -13.63 -4.15 -55.29
N ILE A 14 -12.74 -4.34 -56.26
CA ILE A 14 -12.80 -3.66 -57.55
C ILE A 14 -12.77 -4.75 -58.61
N ASP A 15 -13.89 -4.93 -59.31
CA ASP A 15 -14.06 -5.96 -60.33
C ASP A 15 -13.59 -7.32 -59.81
N ASN A 16 -14.23 -7.74 -58.71
CA ASN A 16 -14.01 -9.04 -58.08
C ASN A 16 -12.69 -9.14 -57.32
N HIS A 17 -11.79 -8.18 -57.52
CA HIS A 17 -10.44 -8.21 -56.93
C HIS A 17 -10.48 -7.50 -55.59
N HIS A 18 -9.77 -7.98 -54.61
CA HIS A 18 -9.84 -7.50 -53.25
C HIS A 18 -8.68 -6.54 -52.96
N LEU A 19 -8.99 -5.41 -52.34
CA LEU A 19 -8.00 -4.42 -51.97
C LEU A 19 -8.04 -4.16 -50.47
N LYS A 20 -6.88 -3.82 -49.91
CA LYS A 20 -6.74 -3.57 -48.48
C LYS A 20 -5.85 -2.35 -48.27
N SER A 21 -6.17 -1.60 -47.21
CA SER A 21 -5.39 -0.41 -46.88
C SER A 21 -3.94 -0.76 -46.61
N LEU A 22 -3.03 0.10 -47.06
CA LEU A 22 -1.60 -0.20 -46.97
C LEU A 22 -1.10 -0.15 -45.54
N GLY A 23 -1.49 0.88 -44.78
CA GLY A 23 -1.06 0.97 -43.40
C GLY A 23 -1.48 -0.23 -42.57
N ALA A 24 -2.64 -0.81 -42.89
CA ALA A 24 -3.07 -2.02 -42.20
C ALA A 24 -2.14 -3.19 -42.52
N VAL A 25 -1.68 -3.29 -43.77
CA VAL A 25 -0.71 -4.31 -44.12
C VAL A 25 0.63 -4.03 -43.43
N LEU A 26 0.94 -2.76 -43.18
CA LEU A 26 2.15 -2.43 -42.44
C LEU A 26 2.11 -3.01 -41.03
N ASN A 27 0.97 -2.89 -40.35
CA ASN A 27 0.80 -3.54 -39.06
C ASN A 27 0.95 -5.05 -39.18
N ASP A 28 0.34 -5.65 -40.20
CA ASP A 28 0.53 -7.08 -40.46
C ASP A 28 2.01 -7.44 -40.48
N VAL A 29 2.82 -6.60 -41.12
CA VAL A 29 4.26 -6.80 -41.12
C VAL A 29 4.82 -6.67 -39.71
N ARG A 30 4.39 -5.64 -38.99
CA ARG A 30 5.03 -5.29 -37.72
C ARG A 30 4.68 -6.28 -36.63
N ARG A 31 3.38 -6.51 -36.43
CA ARG A 31 2.95 -7.51 -35.44
C ARG A 31 3.67 -8.81 -35.72
N LYS A 32 3.46 -9.40 -36.90
CA LYS A 32 4.18 -10.61 -37.29
C LYS A 32 5.68 -10.47 -37.05
N LYS A 33 6.22 -9.26 -37.24
CA LYS A 33 7.64 -9.01 -36.92
C LYS A 33 7.86 -9.00 -35.42
N ASP A 34 6.99 -8.33 -34.66
CA ASP A 34 7.14 -8.32 -33.20
C ASP A 34 7.07 -9.72 -32.63
N ARG A 35 6.15 -10.53 -33.14
CA ARG A 35 6.01 -11.89 -32.65
C ARG A 35 7.20 -12.73 -33.08
N ILE A 36 7.77 -12.45 -34.24
CA ILE A 36 9.05 -13.04 -34.61
C ILE A 36 10.15 -12.52 -33.70
N ARG A 37 10.11 -11.23 -33.37
CA ARG A 37 10.99 -10.72 -32.31
C ARG A 37 10.80 -11.52 -31.02
N GLU A 38 9.56 -11.95 -30.75
CA GLU A 38 9.27 -12.65 -29.50
C GLU A 38 9.77 -14.08 -29.51
N ALA A 39 9.89 -14.70 -30.69
CA ALA A 39 10.32 -16.10 -30.75
C ALA A 39 11.82 -16.25 -30.54
N GLU A 40 12.62 -15.28 -31.00
CA GLU A 40 14.06 -15.35 -30.74
C GLU A 40 14.34 -15.17 -29.26
N TYR A 41 13.61 -14.27 -28.61
CA TYR A 41 13.75 -14.02 -27.18
C TYR A 41 12.87 -14.93 -26.34
N GLU A 42 12.13 -15.84 -26.97
CA GLU A 42 11.26 -16.73 -26.21
C GLU A 42 12.03 -17.63 -25.26
N PRO A 43 13.15 -18.24 -25.66
CA PRO A 43 14.00 -18.90 -24.67
C PRO A 43 14.45 -17.97 -23.57
N ILE A 44 14.66 -16.69 -23.88
CA ILE A 44 14.99 -15.71 -22.85
C ILE A 44 13.85 -15.61 -21.84
N ILE A 45 12.63 -15.56 -22.35
CA ILE A 45 11.46 -15.53 -21.47
C ILE A 45 11.40 -16.81 -20.64
N ASP A 46 11.66 -17.95 -21.27
CA ASP A 46 11.65 -19.22 -20.55
C ASP A 46 12.52 -19.15 -19.31
N ILE A 47 13.67 -18.50 -19.42
CA ILE A 47 14.57 -18.39 -18.27
C ILE A 47 14.12 -17.29 -17.33
N ALA A 48 13.56 -16.19 -17.87
CA ALA A 48 13.04 -15.15 -17.00
C ALA A 48 11.83 -15.65 -16.21
N ASP A 49 10.95 -16.42 -16.87
CA ASP A 49 9.78 -16.97 -16.18
C ASP A 49 10.15 -17.97 -15.09
N GLN A 50 11.44 -18.34 -14.98
CA GLN A 50 11.87 -19.08 -13.80
C GLN A 50 11.59 -18.29 -12.51
N TYR A 51 11.61 -16.96 -12.60
CA TYR A 51 11.52 -16.09 -11.44
C TYR A 51 10.24 -15.25 -11.48
N MET A 52 9.90 -14.66 -10.34
CA MET A 52 8.62 -13.98 -10.16
C MET A 52 8.82 -12.63 -9.48
N VAL A 53 7.84 -11.75 -9.66
CA VAL A 53 7.79 -10.46 -9.00
C VAL A 53 6.48 -10.36 -8.23
N THR A 54 6.47 -9.45 -7.25
CA THR A 54 5.30 -9.22 -6.42
C THR A 54 4.44 -8.10 -6.99
N GLU A 55 3.13 -8.26 -6.90
CA GLU A 55 2.22 -7.21 -7.33
C GLU A 55 2.12 -6.13 -6.25
N ASP A 56 2.29 -4.87 -6.65
CA ASP A 56 2.10 -3.75 -5.76
C ASP A 56 0.72 -3.86 -5.12
N PRO A 57 0.62 -4.15 -3.82
CA PRO A 57 -0.72 -4.38 -3.24
C PRO A 57 -1.63 -3.18 -3.36
N PHE A 58 -1.04 -1.97 -3.37
CA PHE A 58 -1.81 -0.74 -3.39
C PHE A 58 -2.27 -0.37 -4.80
N ARG A 59 -1.65 -0.93 -5.83
CA ARG A 59 -2.15 -0.84 -7.20
C ARG A 59 -2.84 -2.12 -7.65
N GLY A 60 -3.17 -3.02 -6.72
CA GLY A 60 -3.64 -4.34 -7.08
C GLY A 60 -4.71 -4.88 -6.17
N PRO A 61 -4.47 -6.05 -5.57
CA PRO A 61 -5.56 -6.73 -4.85
C PRO A 61 -5.95 -5.99 -3.58
N GLY A 62 -7.23 -6.07 -3.28
CA GLY A 62 -7.73 -5.56 -2.00
C GLY A 62 -8.13 -4.11 -2.06
N LYS A 63 -9.06 -3.75 -1.17
CA LYS A 63 -9.60 -2.38 -1.10
C LYS A 63 -8.63 -1.49 -0.32
N ASN A 64 -8.54 -0.24 -0.67
CA ASN A 64 -7.58 0.73 -0.11
C ASN A 64 -8.27 1.63 0.90
N VAL A 65 -8.14 1.29 2.19
CA VAL A 65 -8.73 2.04 3.28
C VAL A 65 -7.59 2.74 4.00
N ARG A 66 -7.42 4.04 3.74
CA ARG A 66 -6.35 4.84 4.34
C ARG A 66 -6.92 5.60 5.53
N ILE A 67 -6.71 5.07 6.72
CA ILE A 67 -7.23 5.66 7.95
C ILE A 67 -6.11 6.53 8.53
N THR A 68 -6.16 7.83 8.24
CA THR A 68 -5.12 8.73 8.72
C THR A 68 -5.24 8.94 10.23
N LEU A 69 -4.10 8.92 10.91
CA LEU A 69 -4.07 9.00 12.37
C LEU A 69 -3.71 10.39 12.87
N PHE A 70 -2.61 10.95 12.37
CA PHE A 70 -2.10 12.23 12.85
C PHE A 70 -1.03 12.70 11.87
N LYS A 71 -0.64 13.97 12.03
CA LYS A 71 0.52 14.53 11.35
C LYS A 71 1.54 14.96 12.40
N GLU A 72 2.80 15.07 11.98
CA GLU A 72 3.88 15.41 12.91
C GLU A 72 5.02 16.04 12.13
N ILE A 73 5.71 16.98 12.77
CA ILE A 73 6.89 17.65 12.22
C ILE A 73 8.06 17.36 13.14
N ARG A 74 9.19 16.99 12.54
CA ARG A 74 10.43 16.76 13.27
C ARG A 74 11.55 17.57 12.63
N ARG A 75 12.51 17.95 13.44
CA ARG A 75 13.80 18.46 12.96
C ARG A 75 14.80 17.32 13.08
N VAL A 76 15.35 16.90 11.95
CA VAL A 76 16.22 15.74 11.90
C VAL A 76 17.66 16.22 11.73
N HIS A 77 18.50 15.88 12.70
CA HIS A 77 19.93 16.11 12.59
C HIS A 77 20.51 15.18 11.52
N PRO A 78 21.68 15.52 10.97
CA PRO A 78 22.26 14.67 9.93
C PRO A 78 22.71 13.34 10.49
N ASP A 79 22.45 12.26 9.74
CA ASP A 79 22.76 10.90 10.12
C ASP A 79 21.98 10.43 11.35
N THR A 80 20.91 11.13 11.72
CA THR A 80 20.05 10.70 12.80
C THR A 80 18.65 10.40 12.27
N MET A 81 17.88 9.67 13.07
CA MET A 81 16.49 9.42 12.80
C MET A 81 15.70 9.83 14.02
N LYS A 82 14.46 10.28 13.80
CA LYS A 82 13.61 10.78 14.89
C LYS A 82 12.42 9.83 15.06
N LEU A 83 12.04 9.55 16.29
CA LEU A 83 10.95 8.64 16.59
C LEU A 83 9.63 9.29 16.22
N VAL A 84 8.78 8.53 15.53
CA VAL A 84 7.50 9.05 15.07
C VAL A 84 6.40 8.81 16.11
N CYS A 85 6.45 7.68 16.80
CA CYS A 85 5.40 7.30 17.72
C CYS A 85 6.00 6.47 18.84
N ASN A 86 5.49 6.68 20.06
CA ASN A 86 6.03 6.02 21.24
C ASN A 86 4.90 5.60 22.17
N TRP A 87 3.86 5.01 21.59
CA TRP A 87 2.67 4.63 22.34
C TRP A 87 2.88 3.34 23.13
N SER A 88 2.20 3.25 24.26
CA SER A 88 1.99 1.97 24.90
C SER A 88 1.17 1.06 23.98
N GLY A 89 1.19 -0.24 24.27
CA GLY A 89 0.38 -1.15 23.49
C GLY A 89 -1.09 -0.91 23.68
N LYS A 90 -1.49 -0.54 24.89
CA LYS A 90 -2.89 -0.20 25.16
C LYS A 90 -3.33 0.99 24.32
N GLU A 91 -2.46 1.99 24.16
CA GLU A 91 -2.80 3.19 23.43
C GLU A 91 -2.68 3.03 21.92
N PHE A 92 -1.90 2.06 21.44
CA PHE A 92 -1.92 1.73 20.02
C PHE A 92 -3.20 0.96 19.66
N LEU A 93 -3.66 0.10 20.55
CA LEU A 93 -4.86 -0.67 20.28
C LEU A 93 -6.12 0.19 20.33
N ARG A 94 -6.15 1.21 21.18
CA ARG A 94 -7.30 2.11 21.21
C ARG A 94 -7.41 2.90 19.92
N GLU A 95 -6.29 3.48 19.47
CA GLU A 95 -6.32 4.27 18.23
C GLU A 95 -6.68 3.39 17.04
N THR A 96 -6.05 2.22 16.93
CA THR A 96 -6.32 1.35 15.81
C THR A 96 -7.78 0.92 15.78
N TRP A 97 -8.32 0.52 16.93
CA TRP A 97 -9.73 0.12 16.97
C TRP A 97 -10.66 1.30 16.72
N THR A 98 -10.48 2.38 17.48
CA THR A 98 -11.39 3.51 17.38
C THR A 98 -11.38 4.11 15.99
N ARG A 99 -10.20 4.32 15.41
CA ARG A 99 -10.12 5.08 14.14
C ARG A 99 -10.61 4.26 12.95
N PHE A 100 -10.32 2.96 12.93
CA PHE A 100 -10.78 2.13 11.81
C PHE A 100 -12.29 1.90 11.86
N ILE A 101 -12.79 1.55 13.05
CA ILE A 101 -14.21 1.26 13.18
C ILE A 101 -15.04 2.52 12.91
N SER A 102 -14.62 3.66 13.47
CA SER A 102 -15.41 4.88 13.33
C SER A 102 -15.50 5.33 11.87
N GLU A 103 -14.40 5.20 11.13
CA GLU A 103 -14.33 5.69 9.74
C GLU A 103 -14.88 4.62 8.77
N GLU A 104 -14.80 3.34 9.15
CA GLU A 104 -15.28 2.26 8.30
C GLU A 104 -16.76 1.99 8.49
N PHE A 105 -17.27 2.08 9.72
CA PHE A 105 -18.67 1.83 9.94
C PHE A 105 -19.51 2.89 9.23
N PRO A 106 -20.66 2.51 8.67
CA PRO A 106 -21.24 1.15 8.66
C PRO A 106 -20.47 0.17 7.78
N ILE A 107 -20.12 -1.00 8.32
CA ILE A 107 -19.56 -2.09 7.54
C ILE A 107 -20.73 -2.94 7.07
N THR A 108 -21.07 -2.82 5.79
CA THR A 108 -22.31 -3.34 5.23
C THR A 108 -22.16 -4.71 4.58
N THR A 109 -20.94 -5.20 4.42
CA THR A 109 -20.68 -6.44 3.72
C THR A 109 -19.71 -7.27 4.54
N ASP A 110 -19.59 -8.53 4.15
CA ASP A 110 -18.63 -9.42 4.83
C ASP A 110 -17.27 -8.97 4.31
N GLN A 111 -16.19 -9.12 5.07
CA GLN A 111 -14.85 -8.80 4.60
C GLN A 111 -13.78 -9.40 5.51
N GLU A 112 -12.62 -9.62 4.92
CA GLU A 112 -11.42 -10.08 5.60
C GLU A 112 -10.29 -9.12 5.31
N ILE A 113 -9.59 -8.69 6.34
CA ILE A 113 -8.42 -7.83 6.17
C ILE A 113 -7.27 -8.69 5.66
N MET A 114 -6.67 -8.28 4.53
CA MET A 114 -5.59 -9.07 3.97
C MET A 114 -4.26 -8.70 4.62
N ASP A 115 -4.06 -7.40 4.83
CA ASP A 115 -2.83 -6.95 5.51
C ASP A 115 -3.04 -5.59 6.16
N LEU A 116 -2.54 -5.41 7.36
CA LEU A 116 -2.55 -4.14 8.05
C LEU A 116 -1.20 -3.45 7.81
N TRP A 117 -1.23 -2.16 7.46
CA TRP A 117 -0.02 -1.42 7.14
C TRP A 117 0.08 -0.16 7.98
N PHE A 118 1.29 0.12 8.46
CA PHE A 118 1.61 1.39 9.10
C PHE A 118 2.32 2.26 8.06
N GLU A 119 1.64 3.30 7.59
CA GLU A 119 2.05 4.07 6.43
C GLU A 119 2.65 5.41 6.84
N LEU A 120 3.74 5.78 6.15
CA LEU A 120 4.41 7.06 6.34
C LEU A 120 4.41 7.80 5.01
N GLN A 121 3.71 8.91 4.94
CA GLN A 121 3.84 9.85 3.85
C GLN A 121 4.72 10.99 4.33
N LEU A 122 5.84 11.21 3.64
CA LEU A 122 6.88 12.11 4.11
C LEU A 122 7.11 13.21 3.09
N ARG A 123 7.25 14.44 3.58
CA ARG A 123 7.49 15.58 2.71
C ARG A 123 8.59 16.45 3.33
N PRO A 124 9.48 17.01 2.52
CA PRO A 124 10.40 18.01 3.04
C PRO A 124 9.68 19.32 3.31
N MET A 125 10.13 20.03 4.33
CA MET A 125 9.52 21.32 4.68
C MET A 125 10.08 22.48 3.88
N HIS A 126 11.32 22.37 3.41
CA HIS A 126 11.91 23.41 2.59
C HIS A 126 12.00 22.98 1.13
N PRO A 127 11.92 23.92 0.19
CA PRO A 127 12.17 23.58 -1.21
C PRO A 127 13.67 23.53 -1.51
N ASN A 128 13.99 23.02 -2.69
CA ASN A 128 15.37 22.93 -3.16
C ASN A 128 16.23 22.10 -2.20
N ARG A 129 15.60 21.12 -1.56
CA ARG A 129 16.29 20.15 -0.70
C ARG A 129 16.25 18.80 -1.43
N CYS A 130 17.37 18.41 -2.02
N CYS A 130 17.37 18.39 -2.01
CA CYS A 130 17.48 17.15 -2.74
CA CYS A 130 17.46 17.16 -2.75
C CYS A 130 18.02 16.10 -1.78
C CYS A 130 18.03 16.07 -1.82
N TYR A 131 17.16 15.17 -1.38
CA TYR A 131 17.56 14.05 -0.53
C TYR A 131 16.41 13.06 -0.51
N LYS A 132 16.67 11.90 0.07
CA LYS A 132 15.63 10.92 0.31
C LYS A 132 15.49 10.62 1.79
N PHE A 133 14.46 9.82 2.09
CA PHE A 133 14.05 9.50 3.44
C PHE A 133 14.47 8.08 3.81
N THR A 134 14.76 7.88 5.10
CA THR A 134 15.17 6.60 5.63
C THR A 134 14.27 6.24 6.80
N MET A 135 14.16 4.94 7.07
CA MET A 135 13.21 4.43 8.04
C MET A 135 13.85 3.30 8.84
N GLN A 136 13.47 3.21 10.11
CA GLN A 136 13.73 2.05 10.96
C GLN A 136 12.51 1.85 11.85
N TYR A 137 12.32 0.60 12.29
CA TYR A 137 11.14 0.33 13.12
C TYR A 137 11.32 -0.96 13.91
N ALA A 138 10.68 -0.99 15.07
CA ALA A 138 10.39 -2.21 15.81
C ALA A 138 8.88 -2.37 15.86
N LEU A 139 8.41 -3.61 15.83
CA LEU A 139 6.98 -3.86 15.82
C LEU A 139 6.46 -4.28 17.19
N GLY A 140 7.32 -4.86 18.01
CA GLY A 140 6.97 -5.16 19.39
C GLY A 140 8.12 -4.78 20.30
N ALA A 141 7.78 -4.52 21.55
CA ALA A 141 8.79 -4.18 22.54
C ALA A 141 8.28 -4.58 23.91
N HIS A 142 9.20 -4.74 24.85
CA HIS A 142 8.82 -4.82 26.24
C HIS A 142 7.85 -3.67 26.53
N PRO A 143 6.72 -3.91 27.19
CA PRO A 143 5.69 -2.87 27.31
C PRO A 143 6.11 -1.70 28.19
N ASP A 144 7.06 -1.91 29.10
CA ASP A 144 7.60 -0.85 29.92
C ASP A 144 8.81 -0.19 29.27
N TYR A 145 9.13 -0.57 28.04
CA TYR A 145 10.16 0.11 27.25
C TYR A 145 9.53 1.27 26.49
N VAL A 146 10.26 2.38 26.42
CA VAL A 146 9.92 3.49 25.55
C VAL A 146 11.17 3.84 24.74
N ALA A 147 10.98 4.13 23.48
CA ALA A 147 12.10 4.28 22.56
C ALA A 147 12.75 5.65 22.70
N HIS A 148 14.07 5.66 22.49
CA HIS A 148 14.81 6.93 22.43
C HIS A 148 14.20 7.85 21.39
N ASP A 149 14.18 9.15 21.70
CA ASP A 149 13.59 10.12 20.78
C ASP A 149 14.40 10.25 19.49
N VAL A 150 15.71 10.03 19.56
CA VAL A 150 16.58 10.18 18.40
C VAL A 150 17.67 9.12 18.45
N ILE A 151 17.95 8.51 17.30
CA ILE A 151 18.96 7.47 17.17
C ILE A 151 19.88 7.84 16.00
N ARG A 152 20.90 7.00 15.81
CA ARG A 152 21.87 7.21 14.70
C ARG A 152 21.46 6.30 13.54
N GLN A 153 21.64 6.76 12.31
CA GLN A 153 21.31 5.99 11.10
C GLN A 153 22.29 4.82 10.99
N GLN A 154 21.75 3.61 10.97
CA GLN A 154 22.55 2.39 10.88
C GLN A 154 21.72 1.37 10.11
N ASP A 155 22.05 1.18 8.83
CA ASP A 155 21.36 0.23 7.97
C ASP A 155 19.85 0.45 7.96
N PRO A 156 19.38 1.62 7.53
CA PRO A 156 17.93 1.86 7.46
C PRO A 156 17.32 1.20 6.25
N TYR A 157 15.98 1.17 6.24
CA TYR A 157 15.23 0.95 5.02
C TYR A 157 15.24 2.23 4.20
N TYR A 158 15.66 2.13 2.94
CA TYR A 158 15.71 3.29 2.05
C TYR A 158 14.34 3.46 1.40
N VAL A 159 13.61 4.50 1.82
CA VAL A 159 12.24 4.70 1.34
C VAL A 159 12.25 5.01 -0.15
N GLY A 160 11.19 4.58 -0.83
CA GLY A 160 11.07 4.75 -2.25
C GLY A 160 11.08 6.21 -2.68
N PRO A 161 11.17 6.45 -4.00
CA PRO A 161 11.36 7.83 -4.48
C PRO A 161 10.13 8.70 -4.35
N ASN A 162 8.94 8.12 -4.15
CA ASN A 162 7.73 8.91 -3.98
C ASN A 162 7.48 9.30 -2.53
N ASN A 163 8.43 9.01 -1.64
CA ASN A 163 8.41 9.44 -0.25
C ASN A 163 7.28 8.79 0.55
N ILE A 164 6.73 7.67 0.07
CA ILE A 164 5.69 6.93 0.78
C ILE A 164 6.24 5.56 1.13
N GLU A 165 6.11 5.19 2.40
CA GLU A 165 6.64 3.95 2.93
C GLU A 165 5.54 3.26 3.71
N ARG A 166 5.32 1.98 3.44
CA ARG A 166 4.26 1.20 4.07
C ARG A 166 4.84 -0.01 4.76
N ILE A 167 4.56 -0.14 6.06
CA ILE A 167 5.11 -1.21 6.90
C ILE A 167 3.95 -2.07 7.38
N ASN A 168 4.01 -3.36 7.08
CA ASN A 168 2.92 -4.26 7.41
C ASN A 168 3.09 -4.86 8.81
N LEU A 169 1.96 -5.07 9.49
CA LEU A 169 1.91 -5.64 10.82
C LEU A 169 1.25 -7.01 10.67
N SER A 170 2.08 -8.05 10.64
CA SER A 170 1.60 -9.37 10.21
C SER A 170 0.50 -9.88 11.13
N LYS A 171 -0.19 -10.93 10.67
CA LYS A 171 -1.19 -11.62 11.46
C LYS A 171 -0.57 -12.57 12.47
N LYS A 172 0.74 -12.54 12.64
CA LYS A 172 1.47 -13.42 13.56
C LYS A 172 1.91 -12.57 14.75
N GLY A 173 0.96 -12.25 15.63
CA GLY A 173 1.25 -11.49 16.82
C GLY A 173 0.26 -10.36 17.04
N PHE A 174 -0.03 -9.61 15.99
CA PHE A 174 -0.96 -8.49 16.08
C PHE A 174 -2.40 -9.00 15.94
N ALA A 175 -3.24 -8.67 16.90
CA ALA A 175 -4.67 -8.96 16.78
C ALA A 175 -5.32 -7.94 15.87
N PHE A 176 -6.43 -8.35 15.25
CA PHE A 176 -7.15 -7.47 14.34
C PHE A 176 -8.58 -7.27 14.82
N PRO A 177 -9.15 -6.08 14.63
CA PRO A 177 -10.58 -5.90 14.94
C PRO A 177 -11.48 -6.93 14.30
N LEU A 178 -11.14 -7.42 13.10
CA LEU A 178 -11.76 -8.61 12.53
C LEU A 178 -10.66 -9.46 11.92
N THR A 179 -10.37 -10.59 12.57
CA THR A 179 -9.16 -11.37 12.26
C THR A 179 -9.26 -12.07 10.92
N CYS A 180 -10.46 -12.47 10.54
CA CYS A 180 -10.66 -13.21 9.29
C CYS A 180 -12.02 -12.80 8.75
N LEU A 181 -12.57 -13.55 7.81
CA LEU A 181 -13.88 -13.28 7.24
C LEU A 181 -14.95 -13.46 8.32
N GLN A 182 -15.72 -12.41 8.58
CA GLN A 182 -16.75 -12.49 9.59
C GLN A 182 -17.78 -11.39 9.35
N SER A 183 -19.05 -11.72 9.58
CA SER A 183 -20.08 -10.69 9.79
C SER A 183 -19.54 -9.68 10.79
N VAL A 184 -19.95 -8.43 10.63
CA VAL A 184 -19.61 -7.42 11.63
C VAL A 184 -20.60 -7.52 12.79
N TYR A 185 -20.09 -7.34 14.00
CA TYR A 185 -20.84 -7.64 15.20
C TYR A 185 -20.92 -6.43 16.11
N ASN A 186 -21.59 -6.62 17.24
CA ASN A 186 -21.75 -5.59 18.26
C ASN A 186 -20.45 -5.48 19.03
N ASP A 187 -19.61 -4.52 18.63
CA ASP A 187 -18.22 -4.47 19.05
C ASP A 187 -17.96 -3.16 19.79
N ASN A 188 -17.28 -3.26 20.93
CA ASN A 188 -16.80 -2.11 21.68
C ASN A 188 -15.32 -2.33 21.98
N PHE A 189 -14.63 -1.23 22.33
CA PHE A 189 -13.18 -1.33 22.51
C PHE A 189 -12.81 -2.24 23.68
N GLU A 190 -13.66 -2.32 24.69
CA GLU A 190 -13.33 -3.11 25.87
C GLU A 190 -13.34 -4.61 25.57
N ARG A 191 -14.32 -5.06 24.77
CA ARG A 191 -14.34 -6.44 24.32
C ARG A 191 -13.12 -6.75 23.46
N PHE A 192 -12.72 -5.79 22.62
CA PHE A 192 -11.53 -5.96 21.78
C PHE A 192 -10.28 -6.11 22.64
N PHE A 193 -10.05 -5.17 23.55
CA PHE A 193 -8.82 -5.19 24.34
C PHE A 193 -8.71 -6.45 25.17
N ASP A 194 -9.83 -6.94 25.68
CA ASP A 194 -9.78 -8.15 26.49
C ASP A 194 -9.49 -9.39 25.66
N ASP A 195 -9.72 -9.34 24.34
CA ASP A 195 -9.51 -10.51 23.45
C ASP A 195 -8.09 -10.49 22.87
N VAL A 196 -7.35 -9.38 22.94
CA VAL A 196 -5.96 -9.38 22.52
C VAL A 196 -5.15 -10.16 23.54
N LEU A 197 -4.50 -11.24 23.09
CA LEU A 197 -3.63 -11.96 24.03
C LEU A 197 -2.47 -11.11 24.49
N TRP A 198 -2.05 -10.15 23.66
CA TRP A 198 -0.78 -9.47 23.83
C TRP A 198 -0.97 -7.98 23.60
N PRO A 199 -1.85 -7.35 24.39
CA PRO A 199 -2.19 -5.95 24.10
C PRO A 199 -1.02 -5.00 24.21
N TYR A 200 -0.23 -5.12 25.29
CA TYR A 200 0.82 -4.14 25.55
C TYR A 200 2.13 -4.45 24.82
N PHE A 201 2.26 -5.60 24.15
CA PHE A 201 3.53 -5.95 23.52
C PHE A 201 3.61 -5.37 22.11
N TYR A 202 2.67 -5.73 21.25
CA TYR A 202 2.77 -5.41 19.84
C TYR A 202 2.32 -3.97 19.63
N ARG A 203 3.27 -3.11 19.31
CA ARG A 203 3.05 -1.69 19.12
C ARG A 203 4.20 -1.16 18.27
N PRO A 204 3.94 -0.62 17.08
CA PRO A 204 5.04 -0.19 16.21
C PRO A 204 5.74 1.05 16.77
N LEU A 205 7.07 0.95 16.91
CA LEU A 205 7.93 2.07 17.27
C LEU A 205 8.78 2.37 16.05
N VAL A 206 8.49 3.49 15.38
CA VAL A 206 8.98 3.76 14.04
C VAL A 206 9.79 5.04 14.03
N TYR A 207 10.92 5.02 13.28
CA TYR A 207 11.80 6.17 13.14
C TYR A 207 11.92 6.58 11.68
N VAL A 208 12.26 7.85 11.47
CA VAL A 208 12.50 8.39 10.13
C VAL A 208 13.73 9.28 10.17
N GLY A 209 14.58 9.14 9.15
CA GLY A 209 15.69 10.04 8.93
C GLY A 209 15.73 10.51 7.50
N THR A 210 16.85 11.09 7.06
CA THR A 210 17.05 11.53 5.69
C THR A 210 18.41 11.04 5.19
N THR A 211 18.69 11.30 3.92
CA THR A 211 20.03 11.16 3.37
C THR A 211 20.74 12.50 3.27
N SER A 212 20.24 13.51 3.97
CA SER A 212 20.76 14.86 3.87
C SER A 212 21.86 15.09 4.89
N ALA A 213 22.85 15.88 4.49
CA ALA A 213 23.92 16.32 5.37
C ALA A 213 23.58 17.59 6.13
N GLU A 214 22.31 17.99 6.13
CA GLU A 214 21.86 19.20 6.82
C GLU A 214 20.75 18.84 7.78
N ILE A 215 20.50 19.74 8.73
CA ILE A 215 19.27 19.66 9.50
C ILE A 215 18.11 19.84 8.55
N GLU A 216 17.13 18.96 8.64
CA GLU A 216 15.97 19.03 7.75
C GLU A 216 14.70 19.00 8.60
N GLU A 217 13.92 20.05 8.50
CA GLU A 217 12.54 20.00 8.95
C GLU A 217 11.76 19.12 7.98
N ILE A 218 11.07 18.10 8.49
CA ILE A 218 10.35 17.18 7.64
C ILE A 218 8.92 17.02 8.14
N MET A 219 8.03 16.69 7.22
CA MET A 219 6.61 16.51 7.48
C MET A 219 6.28 15.03 7.36
N ILE A 220 5.61 14.48 8.37
CA ILE A 220 5.33 13.05 8.46
C ILE A 220 3.83 12.87 8.61
N GLU A 221 3.18 12.35 7.57
CA GLU A 221 1.77 11.98 7.61
C GLU A 221 1.67 10.49 7.90
N VAL A 222 1.00 10.12 8.99
CA VAL A 222 0.91 8.74 9.44
C VAL A 222 -0.53 8.26 9.29
N SER A 223 -0.69 7.13 8.61
CA SER A 223 -1.98 6.46 8.47
C SER A 223 -1.82 4.98 8.74
N LEU A 224 -2.92 4.35 9.15
CA LEU A 224 -3.04 2.90 9.12
C LEU A 224 -3.84 2.54 7.87
N LEU A 225 -3.21 1.83 6.95
CA LEU A 225 -3.80 1.49 5.66
C LEU A 225 -4.29 0.05 5.72
N PHE A 226 -5.61 -0.13 5.74
CA PHE A 226 -6.19 -1.45 5.73
C PHE A 226 -6.40 -1.88 4.28
N LYS A 227 -5.81 -3.02 3.91
CA LYS A 227 -6.10 -3.69 2.65
C LYS A 227 -7.17 -4.73 2.96
N ILE A 228 -8.38 -4.52 2.46
CA ILE A 228 -9.54 -5.32 2.84
C ILE A 228 -10.06 -6.06 1.62
N LYS A 229 -10.33 -7.34 1.78
CA LYS A 229 -11.02 -8.16 0.80
C LYS A 229 -12.50 -8.17 1.14
N GLU A 230 -13.29 -7.44 0.36
CA GLU A 230 -14.72 -7.26 0.61
C GLU A 230 -15.53 -8.26 -0.22
N PHE A 231 -16.49 -8.93 0.41
CA PHE A 231 -17.33 -9.89 -0.25
C PHE A 231 -18.76 -9.34 -0.26
N ALA A 232 -18.95 -8.35 -1.15
CA ALA A 232 -20.21 -7.63 -1.26
C ALA A 232 -21.11 -8.34 -2.26
N PRO A 233 -22.26 -8.88 -1.83
CA PRO A 233 -23.11 -9.63 -2.74
C PRO A 233 -23.51 -8.80 -3.95
N ASP A 234 -23.77 -9.47 -5.07
CA ASP A 234 -24.26 -8.84 -6.32
C ASP A 234 -25.76 -8.69 -6.20
N VAL A 235 -26.20 -7.95 -5.20
CA VAL A 235 -27.63 -7.71 -4.95
C VAL A 235 -27.84 -6.24 -4.69
N PRO A 236 -29.04 -5.74 -4.97
CA PRO A 236 -29.32 -4.32 -4.77
C PRO A 236 -29.45 -3.98 -3.28
N LEU A 237 -29.49 -2.68 -3.01
CA LEU A 237 -29.94 -2.15 -1.73
C LEU A 237 -31.38 -1.68 -1.93
N PHE A 238 -32.34 -2.42 -1.37
CA PHE A 238 -33.74 -2.05 -1.42
C PHE A 238 -34.11 -1.19 -0.22
N THR A 239 -35.13 -0.37 -0.40
CA THR A 239 -35.73 0.38 0.71
C THR A 239 -36.68 -0.60 1.32
N GLY A 240 -36.77 -0.66 2.65
CA GLY A 240 -37.60 -1.61 3.35
C GLY A 240 -39.06 -1.18 3.28
N PRO A 241 -40.00 -2.14 3.25
CA PRO A 241 -39.86 -3.61 3.23
C PRO A 241 -39.56 -4.15 1.84
N ALA A 242 -38.73 -5.17 1.61
CA ALA A 242 -38.48 -5.61 0.24
C ALA A 242 -39.70 -6.32 -0.34
N TYR A 243 -40.17 -5.83 -1.50
CA TYR A 243 -41.25 -6.42 -2.30
C TYR A 243 -42.63 -6.09 -1.74
#